data_4JQG
#
_entry.id   4JQG
#
_cell.length_a   34.140
_cell.length_b   57.480
_cell.length_c   171.420
_cell.angle_alpha   90.00
_cell.angle_beta   90.00
_cell.angle_gamma   90.00
#
_symmetry.space_group_name_H-M   'P 21 21 21'
#
loop_
_entity.id
_entity.type
_entity.pdbx_description
1 polymer 'fluorogenic peptidic substrate (8MC)PLG(PFF)(DNW)AR(NH2)'
2 polymer 'Matrix metalloproteinase-9'
3 non-polymer 'AZIDE ION'
4 non-polymer 'ZINC ION'
5 non-polymer 'CALCIUM ION'
6 non-polymer 'STRONTIUM ION'
7 non-polymer 1,2-ETHANEDIOL
8 non-polymer GLYCEROL
9 non-polymer S-1,2-PROPANEDIOL
10 non-polymer 'SODIUM ION'
11 water water
#
loop_
_entity_poly.entity_id
_entity_poly.type
_entity_poly.pdbx_seq_one_letter_code
_entity_poly.pdbx_strand_id
1 'polypeptide(L)' (8MC)PLG(PFF)(DNW)AR(NH2) P,Q
2 'polypeptide(L)'
;GFQTFEGDLKWHHHNITYWIQNYSEDLPRAVIDDAFARAFALWSAVTPLTFTRVYSRDADIVIQFGVAEHGDGYPFDGKD
GLLAHAFPPGPGIQGDAHFDDDELWSLGKGVGYSLFLVAAHAFGHALGLDHSSVPEALMYPMYRFTEGPPLHKDDVNGIR
HLYG
;
A,B
#
loop_
_chem_comp.id
_chem_comp.type
_chem_comp.name
_chem_comp.formula
8MC non-polymer '(7-methoxy-2-oxo-2H-chromen-4-yl)acetic acid' 'C12 H10 O5'
AZI non-polymer 'AZIDE ION' 'N3 -1'
CA non-polymer 'CALCIUM ION' 'Ca 2'
EDO non-polymer 1,2-ETHANEDIOL 'C2 H6 O2'
GOL non-polymer GLYCEROL 'C3 H8 O3'
NA non-polymer 'SODIUM ION' 'Na 1'
NH2 non-polymer 'AMINO GROUP' 'H2 N'
PGO non-polymer S-1,2-PROPANEDIOL 'C3 H8 O2'
SR non-polymer 'STRONTIUM ION' 'Sr 2'
ZN non-polymer 'ZINC ION' 'Zn 2'
#
# COMPACT_ATOMS: atom_id res chain seq x y z
C 8MC A 1 8.72 25.35 -4.25
O 8MC A 1 8.40 24.94 -3.12
CA 8MC A 1 9.26 26.76 -4.42
C9 8MC A 1 8.42 27.75 -3.61
C10 8MC A 1 8.74 28.05 -2.29
C1 8MC A 1 7.92 28.96 -1.62
O2 8MC A 1 8.14 29.26 -0.43
C8 8MC A 1 7.32 28.38 -4.16
C7 8MC A 1 6.95 28.14 -5.48
C6 8MC A 1 5.84 28.76 -6.01
C5 8MC A 1 5.09 29.66 -5.24
O4 8MC A 1 4.01 30.27 -5.80
C11 8MC A 1 2.96 30.85 -5.03
C4 8MC A 1 5.46 29.92 -3.92
C2 8MC A 1 6.59 29.28 -3.37
O3 8MC A 1 6.92 29.51 -2.18
N PRO A 2 8.60 24.58 -5.36
CA PRO A 2 8.07 23.22 -5.24
C PRO A 2 9.10 22.28 -4.62
N LEU A 3 8.69 21.12 -4.12
CA LEU A 3 9.68 20.13 -3.71
C LEU A 3 9.96 19.17 -4.85
N GLY A 4 11.22 18.77 -5.01
CA GLY A 4 11.63 17.95 -6.14
C GLY A 4 12.08 16.55 -5.76
N PFF A 5 11.91 15.61 -6.68
CA PFF A 5 12.21 14.22 -6.39
C PFF A 5 13.36 13.85 -7.30
O PFF A 5 13.24 14.06 -8.51
CB PFF A 5 10.98 13.43 -6.80
CG PFF A 5 10.91 12.03 -6.28
CD1 PFF A 5 10.29 11.05 -7.05
CD2 PFF A 5 11.46 11.69 -5.04
CE1 PFF A 5 10.18 9.74 -6.58
CE2 PFF A 5 11.36 10.39 -4.58
CZ PFF A 5 10.74 9.41 -5.34
F PFF A 5 10.67 8.15 -4.87
N DNW A 6 14.46 13.31 -6.77
CA DNW A 6 15.69 13.17 -7.59
CB DNW A 6 16.81 13.96 -6.89
N13 DNW A 6 16.48 15.38 -6.79
C2 DNW A 6 17.06 16.26 -7.63
C3 DNW A 6 16.69 17.60 -7.62
N3 DNW A 6 15.70 18.08 -6.76
O32 DNW A 6 15.08 17.32 -6.05
O3 DNW A 6 15.46 19.29 -6.73
C4 DNW A 6 17.31 18.51 -8.48
C5 DNW A 6 18.27 18.07 -9.36
N5 DNW A 6 18.89 19.00 -10.21
O5 DNW A 6 19.80 18.68 -10.96
O52 DNW A 6 18.50 20.17 -10.16
C6 DNW A 6 18.65 16.73 -9.38
C7 DNW A 6 18.05 15.83 -8.51
C DNW A 6 16.09 11.74 -7.75
O DNW A 6 15.93 10.94 -6.79
N ALA A 7 16.57 11.36 -8.93
CA ALA A 7 17.14 10.02 -9.15
C ALA A 7 18.57 9.92 -8.61
N ARG A 8 19.07 8.68 -8.47
CA ARG A 8 20.49 8.40 -8.25
C ARG A 8 21.33 8.88 -9.43
N NH2 A 9 20.84 8.61 -10.63
N GLY B 1 14.20 31.64 -1.89
CA GLY B 1 13.99 32.99 -2.37
C GLY B 1 12.95 33.77 -1.59
N PHE B 2 12.18 34.60 -2.31
CA PHE B 2 11.24 35.50 -1.67
C PHE B 2 9.80 35.05 -1.83
N GLN B 3 9.58 34.08 -2.71
CA GLN B 3 8.25 33.55 -2.90
C GLN B 3 7.74 32.96 -1.61
N THR B 4 6.49 33.21 -1.29
CA THR B 4 5.87 32.59 -0.13
C THR B 4 4.59 31.89 -0.60
N PHE B 5 4.19 30.83 0.09
CA PHE B 5 2.93 30.17 -0.20
C PHE B 5 1.81 30.85 0.60
N GLU B 6 0.57 30.73 0.15
CA GLU B 6 -0.58 31.15 0.94
C GLU B 6 -1.11 29.99 1.80
N GLY B 7 -1.70 30.32 2.96
CA GLY B 7 -2.40 29.33 3.75
C GLY B 7 -1.56 28.39 4.61
N ASP B 8 -2.22 27.42 5.23
CA ASP B 8 -1.56 26.52 6.17
C ASP B 8 -0.96 25.28 5.54
N LEU B 9 -1.07 25.18 4.22
CA LEU B 9 -0.46 24.08 3.44
C LEU B 9 -1.15 22.71 3.60
N LYS B 10 -2.45 22.73 3.89
CA LYS B 10 -3.28 21.52 3.74
C LYS B 10 -4.64 21.87 3.15
N TRP B 11 -5.33 20.87 2.62
CA TRP B 11 -6.62 21.09 2.02
C TRP B 11 -7.64 21.18 3.13
N HIS B 12 -8.71 21.93 2.89
CA HIS B 12 -9.78 22.09 3.87
C HIS B 12 -11.13 21.71 3.29
N HIS B 13 -11.08 20.85 2.28
CA HIS B 13 -12.26 20.14 1.78
C HIS B 13 -11.81 18.71 1.51
N HIS B 14 -12.76 17.78 1.44
CA HIS B 14 -12.43 16.36 1.39
C HIS B 14 -12.39 15.77 -0.02
N ASN B 15 -13.11 16.41 -0.96
CA ASN B 15 -13.09 15.93 -2.33
C ASN B 15 -12.11 16.75 -3.13
N ILE B 16 -10.90 16.22 -3.25
CA ILE B 16 -9.82 16.87 -3.98
C ILE B 16 -9.93 16.54 -5.46
N THR B 17 -9.94 17.58 -6.31
CA THR B 17 -10.09 17.38 -7.75
C THR B 17 -8.76 17.46 -8.45
N TYR B 18 -8.59 16.68 -9.52
CA TYR B 18 -7.36 16.74 -10.28
C TYR B 18 -7.60 16.75 -11.79
N TRP B 19 -6.71 17.43 -12.50
CA TRP B 19 -6.77 17.56 -13.96
C TRP B 19 -5.47 17.12 -14.61
N ILE B 20 -5.53 16.06 -15.42
CA ILE B 20 -4.38 15.64 -16.20
C ILE B 20 -4.34 16.50 -17.46
N GLN B 21 -3.48 17.52 -17.45
CA GLN B 21 -3.43 18.47 -18.57
C GLN B 21 -2.87 17.88 -19.86
N ASN B 22 -1.91 16.97 -19.74
CA ASN B 22 -1.30 16.34 -20.91
C ASN B 22 -0.65 15.01 -20.57
N TYR B 23 -0.03 14.38 -21.55
CA TYR B 23 0.51 13.05 -21.36
C TYR B 23 1.95 12.91 -21.86
N SER B 24 2.73 12.10 -21.18
CA SER B 24 3.97 11.56 -21.75
C SER B 24 3.55 10.58 -22.85
N GLU B 25 4.31 10.50 -23.94
CA GLU B 25 3.99 9.55 -24.99
C GLU B 25 4.48 8.14 -24.66
N ASP B 26 5.16 7.99 -23.53
CA ASP B 26 5.86 6.74 -23.23
C ASP B 26 4.94 5.57 -22.89
N LEU B 27 3.74 5.87 -22.40
CA LEU B 27 2.78 4.83 -22.03
C LEU B 27 1.42 5.19 -22.62
N PRO B 28 0.56 4.20 -22.84
CA PRO B 28 -0.80 4.52 -23.32
C PRO B 28 -1.48 5.47 -22.34
N ARG B 29 -2.35 6.33 -22.84
CA ARG B 29 -3.05 7.31 -22.00
C ARG B 29 -3.83 6.67 -20.85
N ALA B 30 -4.52 5.57 -21.12
CA ALA B 30 -5.30 4.92 -20.07
C ALA B 30 -4.41 4.36 -18.96
N VAL B 31 -3.24 3.86 -19.35
CA VAL B 31 -2.24 3.32 -18.42
C VAL B 31 -1.68 4.41 -17.52
N ILE B 32 -1.44 5.58 -18.10
CA ILE B 32 -1.07 6.74 -17.32
C ILE B 32 -2.20 7.17 -16.38
N ASP B 33 -3.44 7.19 -16.88
CA ASP B 33 -4.60 7.54 -16.06
C ASP B 33 -4.69 6.64 -14.84
N ASP B 34 -4.47 5.35 -15.06
CA ASP B 34 -4.54 4.35 -14.01
C ASP B 34 -3.38 4.48 -13.04
N ALA B 35 -2.19 4.76 -13.56
CA ALA B 35 -1.04 4.97 -12.70
C ALA B 35 -1.28 6.14 -11.72
N PHE B 36 -1.83 7.23 -12.21
CA PHE B 36 -2.23 8.32 -11.33
C PHE B 36 -3.34 7.91 -10.36
N ALA B 37 -4.35 7.19 -10.84
CA ALA B 37 -5.44 6.72 -9.98
C ALA B 37 -4.91 5.84 -8.85
N ARG B 38 -3.97 4.96 -9.19
CA ARG B 38 -3.37 4.06 -8.21
C ARG B 38 -2.54 4.80 -7.17
N ALA B 39 -1.81 5.83 -7.59
CA ALA B 39 -1.04 6.67 -6.67
C ALA B 39 -1.97 7.42 -5.71
N PHE B 40 -3.06 7.98 -6.26
CA PHE B 40 -4.07 8.64 -5.43
C PHE B 40 -4.74 7.65 -4.46
N ALA B 41 -4.94 6.41 -4.91
CA ALA B 41 -5.57 5.37 -4.09
C ALA B 41 -4.74 5.00 -2.83
N LEU B 42 -3.42 5.12 -2.93
CA LEU B 42 -2.56 4.90 -1.76
C LEU B 42 -2.92 5.88 -0.64
N TRP B 43 -3.16 7.14 -1.01
CA TRP B 43 -3.41 8.19 -0.01
C TRP B 43 -4.87 8.25 0.40
N SER B 44 -5.78 7.91 -0.51
CA SER B 44 -7.19 7.98 -0.17
C SER B 44 -7.53 6.90 0.86
N ALA B 45 -6.82 5.76 0.82
CA ALA B 45 -7.06 4.69 1.80
C ALA B 45 -6.75 5.13 3.25
N VAL B 46 -5.77 6.02 3.41
CA VAL B 46 -5.34 6.40 4.76
C VAL B 46 -5.71 7.81 5.20
N THR B 47 -6.64 8.44 4.47
CA THR B 47 -7.10 9.80 4.79
C THR B 47 -8.60 9.87 4.55
N PRO B 48 -9.24 10.95 5.01
CA PRO B 48 -10.67 11.13 4.69
C PRO B 48 -10.90 11.78 3.32
N LEU B 49 -9.87 11.81 2.48
CA LEU B 49 -9.98 12.46 1.17
C LEU B 49 -10.42 11.51 0.05
N THR B 50 -11.19 12.04 -0.90
CA THR B 50 -11.47 11.34 -2.15
C THR B 50 -10.77 12.14 -3.25
N PHE B 51 -10.45 11.49 -4.36
CA PHE B 51 -9.79 12.18 -5.45
C PHE B 51 -10.61 12.03 -6.70
N THR B 52 -11.02 13.16 -7.27
CA THR B 52 -11.96 13.14 -8.38
C THR B 52 -11.34 13.80 -9.59
N ARG B 53 -11.34 13.09 -10.71
CA ARG B 53 -10.74 13.61 -11.92
C ARG B 53 -11.69 14.62 -12.54
N VAL B 54 -11.19 15.82 -12.81
CA VAL B 54 -11.96 16.80 -13.58
C VAL B 54 -11.24 17.16 -14.90
N TYR B 55 -11.86 18.03 -15.68
CA TYR B 55 -11.40 18.28 -17.04
C TYR B 55 -11.29 19.75 -17.39
N SER B 56 -10.85 20.55 -16.40
CA SER B 56 -10.50 21.94 -16.61
C SER B 56 -9.49 22.32 -15.55
N ARG B 57 -8.91 23.51 -15.68
CA ARG B 57 -7.89 24.00 -14.76
C ARG B 57 -8.49 24.51 -13.44
N ASP B 58 -9.80 24.32 -13.29
CA ASP B 58 -10.54 24.55 -12.05
C ASP B 58 -10.04 23.65 -10.90
N ALA B 59 -9.24 22.65 -11.25
CA ALA B 59 -8.85 21.58 -10.33
C ALA B 59 -7.95 22.04 -9.21
N ASP B 60 -8.04 21.38 -8.05
CA ASP B 60 -7.10 21.57 -6.95
C ASP B 60 -5.68 21.18 -7.37
N ILE B 61 -5.55 19.98 -7.91
CA ILE B 61 -4.24 19.49 -8.36
C ILE B 61 -4.18 19.42 -9.88
N VAL B 62 -3.34 20.25 -10.49
CA VAL B 62 -3.16 20.19 -11.95
C VAL B 62 -1.91 19.39 -12.21
N ILE B 63 -2.03 18.39 -13.08
CA ILE B 63 -0.93 17.48 -13.38
C ILE B 63 -0.40 17.80 -14.76
N GLN B 64 0.90 18.00 -14.88
CA GLN B 64 1.49 18.36 -16.17
C GLN B 64 2.79 17.61 -16.41
N PHE B 65 2.99 17.14 -17.65
CA PHE B 65 4.31 16.68 -18.06
C PHE B 65 5.00 17.86 -18.72
N GLY B 66 6.22 18.18 -18.30
CA GLY B 66 6.94 19.31 -18.87
C GLY B 66 8.40 19.01 -19.18
N VAL B 67 8.99 19.78 -20.09
CA VAL B 67 10.42 19.67 -20.31
C VAL B 67 11.06 21.04 -20.08
N ALA B 68 12.21 21.02 -19.44
CA ALA B 68 12.99 22.22 -19.24
C ALA B 68 12.15 23.29 -18.56
N GLU B 69 12.10 24.49 -19.12
N GLU B 69 12.14 24.52 -19.07
CA GLU B 69 11.23 25.56 -18.64
CA GLU B 69 11.26 25.55 -18.53
C GLU B 69 9.81 25.29 -19.10
C GLU B 69 9.85 25.31 -19.07
N HIS B 70 8.93 24.99 -18.16
CA HIS B 70 7.59 24.57 -18.50
C HIS B 70 6.51 25.44 -17.86
N GLY B 71 6.88 26.64 -17.43
CA GLY B 71 5.86 27.60 -17.05
C GLY B 71 5.85 28.18 -15.64
N ASP B 72 6.64 27.62 -14.74
CA ASP B 72 6.58 28.02 -13.33
C ASP B 72 7.90 28.54 -12.77
N GLY B 73 8.93 28.68 -13.60
CA GLY B 73 10.19 29.24 -13.14
C GLY B 73 11.12 28.24 -12.49
N TYR B 74 10.66 26.99 -12.40
CA TYR B 74 11.46 25.89 -11.87
C TYR B 74 11.67 24.84 -12.95
N PRO B 75 12.72 25.03 -13.78
CA PRO B 75 12.88 24.18 -14.96
C PRO B 75 13.31 22.77 -14.61
N PHE B 76 12.89 21.84 -15.44
CA PHE B 76 13.39 20.48 -15.36
C PHE B 76 14.75 20.44 -16.06
N ASP B 77 15.46 19.31 -15.95
CA ASP B 77 16.89 19.30 -16.29
C ASP B 77 17.28 18.26 -17.34
N GLY B 78 16.30 17.77 -18.09
CA GLY B 78 16.57 16.76 -19.09
C GLY B 78 16.59 15.39 -18.44
N LYS B 79 17.13 14.40 -19.15
CA LYS B 79 17.12 13.01 -18.70
C LYS B 79 17.76 12.83 -17.32
N ASP B 80 17.11 12.01 -16.47
CA ASP B 80 17.55 11.75 -15.10
C ASP B 80 17.56 13.01 -14.22
N GLY B 81 18.32 12.97 -13.14
CA GLY B 81 18.32 14.08 -12.19
C GLY B 81 16.94 14.27 -11.58
N LEU B 82 16.42 15.50 -11.68
CA LEU B 82 15.09 15.83 -11.17
C LEU B 82 14.01 15.12 -12.01
N LEU B 83 13.10 14.41 -11.34
CA LEU B 83 12.10 13.61 -12.04
C LEU B 83 10.73 14.26 -12.03
N ALA B 84 10.47 15.07 -11.01
CA ALA B 84 9.14 15.65 -10.82
C ALA B 84 9.20 16.66 -9.69
N HIS B 85 8.21 17.53 -9.61
CA HIS B 85 8.12 18.40 -8.45
C HIS B 85 6.68 18.76 -8.17
N ALA B 86 6.39 19.21 -6.95
CA ALA B 86 4.99 19.39 -6.57
C ALA B 86 4.87 20.50 -5.57
N PHE B 87 3.73 21.18 -5.57
CA PHE B 87 3.51 22.32 -4.68
C PHE B 87 2.49 21.95 -3.58
N PRO B 88 2.69 22.48 -2.36
CA PRO B 88 1.80 22.11 -1.25
C PRO B 88 0.38 22.62 -1.48
N PRO B 89 -0.61 22.07 -0.75
CA PRO B 89 -2.01 22.51 -0.92
C PRO B 89 -2.20 23.99 -0.70
N GLY B 90 -3.16 24.55 -1.43
CA GLY B 90 -3.46 25.98 -1.36
C GLY B 90 -4.04 26.39 -2.70
N PRO B 91 -4.18 27.71 -2.92
CA PRO B 91 -4.79 28.19 -4.17
C PRO B 91 -3.77 28.33 -5.30
N GLY B 92 -4.27 28.57 -6.52
CA GLY B 92 -3.40 28.81 -7.65
C GLY B 92 -2.46 27.67 -8.02
N ILE B 93 -1.17 27.98 -8.09
CA ILE B 93 -0.18 26.97 -8.46
C ILE B 93 -0.07 25.91 -7.36
N GLN B 94 -0.51 26.27 -6.15
CA GLN B 94 -0.42 25.36 -5.03
C GLN B 94 -1.26 24.09 -5.28
N GLY B 95 -0.74 22.94 -4.85
CA GLY B 95 -1.44 21.70 -5.11
C GLY B 95 -0.94 21.00 -6.36
N ASP B 96 -0.26 21.72 -7.26
CA ASP B 96 0.05 21.14 -8.56
C ASP B 96 1.23 20.14 -8.57
N ALA B 97 1.21 19.24 -9.55
CA ALA B 97 2.24 18.19 -9.67
C ALA B 97 2.79 18.07 -11.09
N HIS B 98 4.10 18.28 -11.26
CA HIS B 98 4.69 18.25 -12.59
C HIS B 98 5.73 17.15 -12.74
N PHE B 99 5.76 16.55 -13.91
CA PHE B 99 6.64 15.41 -14.17
C PHE B 99 7.54 15.76 -15.35
N ASP B 100 8.82 15.40 -15.27
CA ASP B 100 9.76 15.71 -16.35
C ASP B 100 9.50 14.82 -17.56
N ASP B 101 9.05 15.41 -18.66
CA ASP B 101 8.70 14.67 -19.88
C ASP B 101 9.95 14.19 -20.64
N ASP B 102 11.13 14.66 -20.24
CA ASP B 102 12.39 14.15 -20.79
C ASP B 102 12.77 12.79 -20.20
N GLU B 103 12.05 12.35 -19.16
CA GLU B 103 12.26 11.00 -18.65
C GLU B 103 11.56 9.95 -19.49
N LEU B 104 12.08 8.73 -19.41
CA LEU B 104 11.36 7.57 -19.93
C LEU B 104 10.43 7.09 -18.82
N TRP B 105 9.13 7.30 -19.00
CA TRP B 105 8.18 6.87 -17.98
C TRP B 105 7.76 5.41 -18.22
N SER B 106 7.86 4.61 -17.17
CA SER B 106 7.51 3.19 -17.21
C SER B 106 6.58 2.86 -16.06
N LEU B 107 6.12 1.61 -15.99
CA LEU B 107 5.59 1.11 -14.73
C LEU B 107 6.57 0.05 -14.26
N GLY B 108 6.30 -0.58 -13.12
CA GLY B 108 7.22 -1.53 -12.53
C GLY B 108 7.86 -2.48 -13.52
N LYS B 109 9.13 -2.77 -13.28
CA LYS B 109 9.93 -3.63 -14.15
C LYS B 109 10.28 -2.98 -15.50
N GLY B 110 9.66 -1.84 -15.82
CA GLY B 110 10.04 -1.11 -17.02
C GLY B 110 11.44 -0.53 -16.85
N VAL B 111 12.09 -0.21 -17.97
CA VAL B 111 13.47 0.25 -17.92
C VAL B 111 13.58 1.74 -17.52
N GLY B 112 12.44 2.45 -17.50
CA GLY B 112 12.45 3.84 -17.11
C GLY B 112 12.08 4.00 -15.64
N TYR B 113 11.71 5.22 -15.24
CA TYR B 113 11.25 5.49 -13.88
C TYR B 113 9.76 5.16 -13.76
N SER B 114 9.38 4.59 -12.63
CA SER B 114 8.00 4.21 -12.42
C SER B 114 7.16 5.47 -12.27
N LEU B 115 6.21 5.65 -13.18
CA LEU B 115 5.29 6.76 -13.08
C LEU B 115 4.46 6.63 -11.81
N PHE B 116 4.10 5.39 -11.47
CA PHE B 116 3.30 5.13 -10.27
C PHE B 116 4.01 5.60 -9.00
N LEU B 117 5.25 5.15 -8.82
CA LEU B 117 6.01 5.52 -7.62
C LEU B 117 6.28 7.02 -7.55
N VAL B 118 6.67 7.63 -8.67
CA VAL B 118 6.95 9.07 -8.72
C VAL B 118 5.70 9.89 -8.43
N ALA B 119 4.58 9.50 -9.04
CA ALA B 119 3.31 10.17 -8.75
C ALA B 119 2.91 10.03 -7.28
N ALA B 120 3.07 8.84 -6.72
CA ALA B 120 2.71 8.66 -5.31
C ALA B 120 3.52 9.62 -4.43
N HIS B 121 4.80 9.75 -4.75
CA HIS B 121 5.66 10.68 -4.02
C HIS B 121 5.16 12.13 -4.22
N ALA B 122 5.01 12.56 -5.48
CA ALA B 122 4.62 13.94 -5.76
C ALA B 122 3.30 14.30 -5.11
N PHE B 123 2.34 13.38 -5.21
CA PHE B 123 1.01 13.63 -4.66
C PHE B 123 1.09 13.79 -3.15
N GLY B 124 2.07 13.11 -2.53
CA GLY B 124 2.31 13.28 -1.10
C GLY B 124 2.53 14.75 -0.75
N HIS B 125 3.36 15.43 -1.55
CA HIS B 125 3.57 16.87 -1.39
C HIS B 125 2.30 17.65 -1.67
N ALA B 126 1.59 17.27 -2.71
CA ALA B 126 0.37 17.97 -3.12
C ALA B 126 -0.72 17.87 -2.06
N LEU B 127 -0.51 16.99 -1.08
CA LEU B 127 -1.41 16.85 0.06
C LEU B 127 -0.89 17.54 1.31
N GLY B 128 0.40 17.88 1.31
CA GLY B 128 0.96 18.70 2.38
C GLY B 128 2.23 18.16 3.01
N LEU B 129 2.67 17.00 2.53
CA LEU B 129 3.85 16.36 3.13
C LEU B 129 5.18 16.96 2.68
N ASP B 130 6.16 16.96 3.56
N ASP B 130 6.15 16.97 3.59
CA ASP B 130 7.50 17.35 3.20
CA ASP B 130 7.54 17.36 3.34
C ASP B 130 8.34 16.10 2.98
C ASP B 130 8.34 16.10 3.03
N HIS B 131 9.63 16.26 2.76
CA HIS B 131 10.47 15.09 2.58
C HIS B 131 10.69 14.39 3.91
N SER B 132 11.00 13.10 3.82
CA SER B 132 11.31 12.31 5.01
C SER B 132 12.82 12.05 5.01
N SER B 133 13.42 11.85 6.18
CA SER B 133 14.81 11.41 6.25
C SER B 133 14.89 9.90 6.47
N VAL B 134 13.72 9.24 6.44
CA VAL B 134 13.62 7.79 6.54
C VAL B 134 13.81 7.22 5.14
N PRO B 135 14.92 6.50 4.92
CA PRO B 135 15.31 6.01 3.58
C PRO B 135 14.27 5.12 2.91
N GLU B 136 13.48 4.46 3.75
N GLU B 136 13.46 4.42 3.70
CA GLU B 136 12.48 3.49 3.31
CA GLU B 136 12.47 3.51 3.10
C GLU B 136 11.17 4.18 2.93
C GLU B 136 11.10 4.15 2.95
N ALA B 137 10.90 5.33 3.56
CA ALA B 137 9.65 6.06 3.36
C ALA B 137 9.47 6.48 1.90
N LEU B 138 8.20 6.55 1.47
CA LEU B 138 7.83 7.00 0.13
C LEU B 138 8.28 8.44 -0.09
N MET B 139 8.20 9.22 0.98
CA MET B 139 8.56 10.64 0.93
C MET B 139 10.06 10.91 1.08
N TYR B 140 10.89 9.86 1.05
CA TYR B 140 12.33 10.06 0.97
C TYR B 140 12.65 10.76 -0.36
N PRO B 141 13.56 11.75 -0.33
CA PRO B 141 13.75 12.59 -1.53
C PRO B 141 14.42 11.91 -2.72
N MET B 142 14.93 10.68 -2.57
CA MET B 142 15.63 10.03 -3.68
C MET B 142 14.86 8.83 -4.20
N TYR B 143 14.79 8.71 -5.52
CA TYR B 143 14.05 7.62 -6.13
C TYR B 143 14.83 6.33 -5.94
N ARG B 144 14.18 5.32 -5.36
CA ARG B 144 14.68 3.95 -5.45
C ARG B 144 13.50 3.06 -5.84
N PHE B 145 13.64 2.31 -6.93
CA PHE B 145 12.54 1.43 -7.32
C PHE B 145 12.33 0.36 -6.24
N THR B 146 11.08 -0.11 -6.13
CA THR B 146 10.77 -1.22 -5.24
C THR B 146 9.43 -1.81 -5.62
N GLU B 147 9.26 -3.11 -5.37
CA GLU B 147 7.99 -3.78 -5.66
C GLU B 147 7.15 -3.98 -4.38
N GLY B 148 7.78 -3.71 -3.23
CA GLY B 148 7.11 -3.81 -1.95
C GLY B 148 6.16 -2.65 -1.73
N PRO B 149 5.27 -2.75 -0.74
CA PRO B 149 4.26 -1.70 -0.58
C PRO B 149 4.92 -0.35 -0.30
N PRO B 150 4.54 0.69 -1.06
CA PRO B 150 5.26 1.99 -0.98
C PRO B 150 5.17 2.69 0.36
N LEU B 151 4.00 2.72 0.99
CA LEU B 151 3.84 3.48 2.23
C LEU B 151 4.56 2.87 3.44
N HIS B 152 5.20 3.74 4.22
N HIS B 152 5.18 3.76 4.22
CA HIS B 152 5.76 3.32 5.49
CA HIS B 152 5.88 3.40 5.46
C HIS B 152 5.15 4.14 6.61
C HIS B 152 5.21 4.16 6.60
N LYS B 153 5.39 3.71 7.85
CA LYS B 153 4.87 4.40 9.04
C LYS B 153 5.05 5.92 9.00
N ASP B 154 6.26 6.35 8.65
CA ASP B 154 6.59 7.76 8.65
C ASP B 154 5.68 8.58 7.71
N ASP B 155 5.30 7.95 6.59
CA ASP B 155 4.41 8.57 5.60
C ASP B 155 3.00 8.71 6.15
N VAL B 156 2.49 7.63 6.75
CA VAL B 156 1.14 7.62 7.29
C VAL B 156 1.08 8.55 8.49
N ASN B 157 2.17 8.59 9.25
N ASN B 157 2.17 8.57 9.26
CA ASN B 157 2.24 9.51 10.39
CA ASN B 157 2.31 9.50 10.37
C ASN B 157 2.16 10.96 9.95
C ASN B 157 2.12 10.93 9.90
N GLY B 158 2.86 11.29 8.85
CA GLY B 158 2.85 12.62 8.31
C GLY B 158 1.46 12.98 7.83
N ILE B 159 0.84 12.08 7.08
CA ILE B 159 -0.46 12.37 6.50
C ILE B 159 -1.55 12.49 7.57
N ARG B 160 -1.47 11.68 8.61
CA ARG B 160 -2.47 11.71 9.68
C ARG B 160 -2.36 12.95 10.55
N HIS B 161 -1.14 13.47 10.71
CA HIS B 161 -0.96 14.75 11.39
C HIS B 161 -1.62 15.88 10.63
N LEU B 162 -1.84 15.67 9.33
CA LEU B 162 -2.53 16.68 8.53
C LEU B 162 -4.05 16.48 8.55
N TYR B 163 -4.50 15.24 8.38
CA TYR B 163 -5.92 14.98 8.15
C TYR B 163 -6.63 14.09 9.17
N GLY B 164 -5.91 13.58 10.16
CA GLY B 164 -6.53 12.84 11.25
C GLY B 164 -6.38 11.33 11.21
C 8MC C 1 -12.93 -20.00 13.28
O 8MC C 1 -13.29 -18.81 13.43
CA 8MC C 1 -13.69 -21.13 13.97
C9 8MC C 1 -13.85 -20.82 15.44
C10 8MC C 1 -14.90 -20.04 15.91
C1 8MC C 1 -14.97 -19.81 17.29
O2 8MC C 1 -15.91 -19.11 17.76
C8 8MC C 1 -12.94 -21.29 16.38
C7 8MC C 1 -11.86 -22.06 15.99
C6 8MC C 1 -10.97 -22.52 16.93
C5 8MC C 1 -11.13 -22.20 18.29
O4 8MC C 1 -10.21 -22.69 19.19
C11 8MC C 1 -10.02 -22.07 20.46
C4 8MC C 1 -12.22 -21.44 18.70
C2 8MC C 1 -13.14 -20.97 17.74
O3 8MC C 1 -14.11 -20.27 18.09
N PRO C 2 -11.89 -20.34 12.50
CA PRO C 2 -11.11 -19.35 11.76
C PRO C 2 -11.91 -18.78 10.59
N LEU C 3 -11.52 -17.60 10.10
CA LEU C 3 -12.15 -17.07 8.91
C LEU C 3 -11.35 -17.52 7.68
N GLY C 4 -12.05 -17.95 6.64
CA GLY C 4 -11.41 -18.48 5.44
C GLY C 4 -11.46 -17.58 4.22
N PFF C 5 -10.50 -17.75 3.33
CA PFF C 5 -10.41 -16.95 2.12
C PFF C 5 -10.63 -17.88 0.97
O PFF C 5 -9.99 -18.97 0.92
CB PFF C 5 -9.01 -16.36 2.07
CG PFF C 5 -8.83 -15.15 1.18
CD1 PFF C 5 -7.60 -15.01 0.52
CD2 PFF C 5 -9.82 -14.19 0.98
CE1 PFF C 5 -7.36 -13.92 -0.31
CE2 PFF C 5 -9.57 -13.10 0.14
CZ PFF C 5 -8.34 -12.95 -0.50
F PFF C 5 -8.10 -11.90 -1.30
N DNW C 6 -11.50 -17.49 0.03
CA DNW C 6 -11.96 -18.43 -1.05
CB DNW C 6 -13.45 -18.66 -0.88
N13 DNW C 6 -13.72 -19.22 0.43
C2 DNW C 6 -14.06 -20.53 0.58
C3 DNW C 6 -14.33 -21.05 1.84
N3 DNW C 6 -14.26 -20.27 3.00
O32 DNW C 6 -14.13 -19.05 2.91
O3 DNW C 6 -14.36 -20.83 4.09
C4 DNW C 6 -14.68 -22.38 2.00
C5 DNW C 6 -14.77 -23.21 0.89
N5 DNW C 6 -15.14 -24.55 1.11
O5 DNW C 6 -15.05 -25.37 0.22
O52 DNW C 6 -15.58 -24.85 2.22
C6 DNW C 6 -14.50 -22.70 -0.37
C7 DNW C 6 -14.14 -21.36 -0.53
C DNW C 6 -11.66 -17.95 -2.44
O DNW C 6 -11.76 -16.74 -2.75
N ALA C 7 -11.27 -18.89 -3.29
CA ALA C 7 -11.09 -18.60 -4.71
C ALA C 7 -12.44 -18.39 -5.39
N ARG C 8 -12.44 -17.77 -6.57
CA ARG C 8 -13.61 -17.76 -7.43
C ARG C 8 -13.75 -19.13 -8.08
N NH2 C 9 -14.93 -19.74 -7.93
N GLY D 1 -17.36 -29.48 18.83
CA GLY D 1 -18.60 -28.95 19.39
C GLY D 1 -18.58 -27.44 19.48
N PHE D 2 -19.15 -26.90 20.55
CA PHE D 2 -19.05 -25.47 20.78
C PHE D 2 -17.60 -25.13 21.11
N GLN D 3 -17.03 -24.21 20.34
CA GLN D 3 -15.77 -23.60 20.71
C GLN D 3 -16.02 -22.11 20.79
N THR D 4 -15.15 -21.42 21.53
CA THR D 4 -15.19 -19.96 21.57
C THR D 4 -13.77 -19.43 21.67
N PHE D 5 -13.59 -18.15 21.36
CA PHE D 5 -12.28 -17.55 21.48
C PHE D 5 -12.14 -16.86 22.82
N GLU D 6 -10.91 -16.65 23.27
N GLU D 6 -10.91 -16.64 23.28
CA GLU D 6 -10.67 -15.91 24.51
CA GLU D 6 -10.67 -15.91 24.51
C GLU D 6 -10.36 -14.45 24.20
C GLU D 6 -10.36 -14.45 24.20
N GLY D 7 -10.80 -13.55 25.07
CA GLY D 7 -10.49 -12.13 24.93
C GLY D 7 -11.32 -11.38 23.91
N ASP D 8 -10.97 -10.11 23.70
CA ASP D 8 -11.75 -9.20 22.85
C ASP D 8 -11.33 -9.21 21.38
N LEU D 9 -10.36 -10.07 21.05
CA LEU D 9 -9.95 -10.34 19.66
C LEU D 9 -9.08 -9.23 19.04
N LYS D 10 -8.35 -8.50 19.89
CA LYS D 10 -7.29 -7.64 19.37
C LYS D 10 -6.05 -7.81 20.23
N TRP D 11 -4.90 -7.40 19.71
CA TRP D 11 -3.68 -7.55 20.49
C TRP D 11 -3.59 -6.38 21.45
N HIS D 12 -3.05 -6.65 22.63
CA HIS D 12 -2.87 -5.64 23.68
C HIS D 12 -1.41 -5.38 23.99
N HIS D 13 -0.56 -5.77 23.06
CA HIS D 13 0.83 -5.36 23.09
C HIS D 13 1.12 -5.05 21.64
N HIS D 14 2.20 -4.34 21.35
CA HIS D 14 2.42 -3.77 20.01
C HIS D 14 3.54 -4.37 19.18
N ASN D 15 4.38 -5.18 19.80
CA ASN D 15 5.40 -5.92 19.07
C ASN D 15 4.87 -7.34 18.84
N ILE D 16 4.38 -7.60 17.63
CA ILE D 16 3.70 -8.86 17.32
C ILE D 16 4.69 -9.86 16.73
N THR D 17 4.86 -11.00 17.38
CA THR D 17 5.85 -11.97 16.94
C THR D 17 5.21 -12.94 15.96
N TYR D 18 5.99 -13.38 14.99
CA TYR D 18 5.49 -14.40 14.08
C TYR D 18 6.53 -15.47 13.83
N TRP D 19 6.05 -16.70 13.67
CA TRP D 19 6.93 -17.84 13.41
C TRP D 19 6.47 -18.53 12.16
N ILE D 20 7.36 -18.64 11.18
CA ILE D 20 7.10 -19.43 9.98
C ILE D 20 7.51 -20.85 10.32
N GLN D 21 6.52 -21.68 10.63
CA GLN D 21 6.74 -23.02 11.17
C GLN D 21 7.21 -24.00 10.10
N ASN D 22 6.75 -23.78 8.87
CA ASN D 22 7.18 -24.61 7.74
C ASN D 22 7.06 -23.86 6.42
N TYR D 23 7.52 -24.48 5.34
CA TYR D 23 7.49 -23.83 4.04
C TYR D 23 6.86 -24.69 2.97
N SER D 24 5.98 -24.09 2.18
CA SER D 24 5.60 -24.70 0.90
C SER D 24 6.88 -24.72 0.06
N GLU D 25 7.07 -25.76 -0.72
CA GLU D 25 8.25 -25.79 -1.60
C GLU D 25 7.94 -25.26 -3.00
N ASP D 26 6.76 -24.68 -3.18
CA ASP D 26 6.37 -24.06 -4.44
C ASP D 26 7.34 -22.95 -4.84
N LEU D 27 7.93 -22.32 -3.83
CA LEU D 27 8.76 -21.15 -4.03
C LEU D 27 10.00 -21.24 -3.15
N PRO D 28 11.09 -20.56 -3.55
CA PRO D 28 12.27 -20.49 -2.69
C PRO D 28 11.91 -19.93 -1.32
N ARG D 29 12.54 -20.43 -0.26
CA ARG D 29 12.27 -19.92 1.08
C ARG D 29 12.42 -18.41 1.21
N ALA D 30 13.48 -17.86 0.63
CA ALA D 30 13.69 -16.41 0.67
C ALA D 30 12.52 -15.66 0.05
N VAL D 31 11.97 -16.19 -1.05
CA VAL D 31 10.82 -15.57 -1.73
C VAL D 31 9.57 -15.63 -0.85
N ILE D 32 9.35 -16.77 -0.18
CA ILE D 32 8.23 -16.90 0.75
C ILE D 32 8.37 -15.93 1.92
N ASP D 33 9.56 -15.87 2.52
CA ASP D 33 9.83 -14.94 3.61
C ASP D 33 9.52 -13.50 3.22
N ASP D 34 9.92 -13.12 2.00
CA ASP D 34 9.72 -11.77 1.52
C ASP D 34 8.25 -11.49 1.23
N ALA D 35 7.52 -12.50 0.75
CA ALA D 35 6.06 -12.41 0.62
C ALA D 35 5.41 -12.05 1.95
N PHE D 36 5.70 -12.85 2.98
CA PHE D 36 5.18 -12.56 4.32
C PHE D 36 5.65 -11.19 4.86
N ALA D 37 6.94 -10.87 4.71
CA ALA D 37 7.43 -9.57 5.20
C ALA D 37 6.70 -8.38 4.55
N ARG D 38 6.51 -8.43 3.24
CA ARG D 38 5.75 -7.42 2.51
C ARG D 38 4.30 -7.31 2.99
N ALA D 39 3.66 -8.46 3.23
CA ALA D 39 2.30 -8.47 3.77
C ALA D 39 2.21 -7.79 5.14
N PHE D 40 3.14 -8.13 6.04
CA PHE D 40 3.22 -7.46 7.34
C PHE D 40 3.54 -5.95 7.20
N ALA D 41 4.37 -5.61 6.22
CA ALA D 41 4.77 -4.22 6.00
C ALA D 41 3.56 -3.37 5.63
N LEU D 42 2.64 -3.98 4.88
CA LEU D 42 1.38 -3.35 4.52
C LEU D 42 0.62 -2.94 5.78
N TRP D 43 0.56 -3.83 6.76
CA TRP D 43 -0.17 -3.51 7.98
C TRP D 43 0.62 -2.64 8.96
N SER D 44 1.93 -2.84 9.04
CA SER D 44 2.72 -2.08 10.02
C SER D 44 2.71 -0.59 9.68
N ALA D 45 2.55 -0.27 8.40
CA ALA D 45 2.50 1.13 7.96
C ALA D 45 1.27 1.87 8.49
N VAL D 46 0.16 1.14 8.62
CA VAL D 46 -1.11 1.76 9.00
C VAL D 46 -1.56 1.46 10.43
N THR D 47 -0.67 0.87 11.24
CA THR D 47 -1.00 0.56 12.64
C THR D 47 0.14 0.97 13.57
N PRO D 48 -0.07 0.93 14.89
CA PRO D 48 1.09 1.17 15.77
C PRO D 48 1.90 -0.10 16.03
N LEU D 49 1.65 -1.13 15.24
CA LEU D 49 2.29 -2.43 15.43
C LEU D 49 3.65 -2.59 14.75
N THR D 50 4.48 -3.41 15.39
CA THR D 50 5.77 -3.85 14.84
C THR D 50 5.70 -5.38 14.69
N PHE D 51 6.19 -5.90 13.57
CA PHE D 51 6.22 -7.35 13.41
C PHE D 51 7.64 -7.91 13.50
N THR D 52 7.82 -8.91 14.37
CA THR D 52 9.13 -9.46 14.65
C THR D 52 9.12 -10.95 14.43
N ARG D 53 10.02 -11.42 13.56
CA ARG D 53 10.09 -12.85 13.29
C ARG D 53 10.79 -13.54 14.47
N VAL D 54 10.17 -14.63 14.93
CA VAL D 54 10.80 -15.47 15.94
C VAL D 54 10.80 -16.91 15.46
N TYR D 55 11.40 -17.79 16.26
CA TYR D 55 11.68 -19.13 15.79
C TYR D 55 11.19 -20.19 16.80
N SER D 56 9.99 -19.95 17.36
CA SER D 56 9.37 -20.92 18.27
C SER D 56 7.84 -20.77 18.32
N ARG D 57 7.15 -21.80 18.82
CA ARG D 57 5.67 -21.78 18.84
C ARG D 57 5.09 -20.79 19.86
N ASP D 58 5.98 -20.05 20.51
CA ASP D 58 5.62 -18.99 21.42
C ASP D 58 4.86 -17.90 20.69
N ALA D 59 5.14 -17.78 19.39
CA ALA D 59 4.80 -16.62 18.59
C ALA D 59 3.31 -16.25 18.58
N ASP D 60 3.03 -14.95 18.53
CA ASP D 60 1.67 -14.47 18.46
C ASP D 60 0.97 -14.98 17.21
N ILE D 61 1.67 -14.88 16.08
CA ILE D 61 1.17 -15.36 14.79
C ILE D 61 1.98 -16.55 14.29
N VAL D 62 1.43 -17.75 14.46
CA VAL D 62 2.10 -18.92 13.88
C VAL D 62 1.61 -19.09 12.45
N ILE D 63 2.54 -19.12 11.51
CA ILE D 63 2.25 -19.32 10.10
C ILE D 63 2.58 -20.75 9.73
N GLN D 64 1.65 -21.41 9.03
CA GLN D 64 1.77 -22.83 8.75
C GLN D 64 1.22 -23.12 7.36
N PHE D 65 1.94 -23.95 6.60
CA PHE D 65 1.42 -24.46 5.33
C PHE D 65 0.90 -25.86 5.59
N GLY D 66 -0.29 -26.18 5.06
CA GLY D 66 -0.89 -27.47 5.35
C GLY D 66 -1.82 -27.96 4.26
N VAL D 67 -2.14 -29.24 4.27
CA VAL D 67 -3.10 -29.80 3.31
C VAL D 67 -4.12 -30.69 4.02
N ALA D 68 -5.35 -30.70 3.52
CA ALA D 68 -6.42 -31.48 4.14
C ALA D 68 -6.52 -31.17 5.64
N GLU D 69 -6.59 -32.21 6.47
CA GLU D 69 -6.58 -31.98 7.91
C GLU D 69 -5.15 -31.73 8.37
N HIS D 70 -4.92 -30.61 9.04
CA HIS D 70 -3.57 -30.23 9.42
C HIS D 70 -3.42 -29.90 10.91
N GLY D 71 -4.29 -30.47 11.73
CA GLY D 71 -4.15 -30.40 13.18
C GLY D 71 -5.06 -29.45 13.94
N ASP D 72 -5.89 -28.67 13.25
CA ASP D 72 -6.77 -27.75 13.97
C ASP D 72 -8.25 -28.13 13.83
N GLY D 73 -8.54 -29.13 13.01
CA GLY D 73 -9.90 -29.60 12.82
C GLY D 73 -10.70 -28.84 11.78
N TYR D 74 -10.08 -27.83 11.17
CA TYR D 74 -10.67 -27.17 10.01
C TYR D 74 -9.85 -27.48 8.77
N PRO D 75 -10.21 -28.56 8.06
CA PRO D 75 -9.34 -29.05 6.98
C PRO D 75 -9.38 -28.19 5.72
N PHE D 76 -8.27 -28.13 5.02
CA PHE D 76 -8.27 -27.58 3.67
C PHE D 76 -8.91 -28.56 2.68
N ASP D 77 -9.14 -28.11 1.45
CA ASP D 77 -10.05 -28.81 0.55
C ASP D 77 -9.43 -29.14 -0.81
N GLY D 78 -8.11 -29.31 -0.84
CA GLY D 78 -7.41 -29.55 -2.10
C GLY D 78 -7.24 -28.28 -2.92
N LYS D 79 -6.92 -28.45 -4.21
CA LYS D 79 -6.75 -27.33 -5.13
C LYS D 79 -7.95 -26.38 -5.20
N ASP D 80 -7.66 -25.09 -5.17
CA ASP D 80 -8.67 -24.03 -5.28
C ASP D 80 -9.65 -24.04 -4.10
N GLY D 81 -10.78 -23.35 -4.28
CA GLY D 81 -11.73 -23.16 -3.19
C GLY D 81 -11.10 -22.36 -2.05
N LEU D 82 -11.13 -22.96 -0.85
CA LEU D 82 -10.50 -22.37 0.33
C LEU D 82 -8.99 -22.29 0.13
N LEU D 83 -8.41 -21.10 0.32
CA LEU D 83 -6.99 -20.89 0.05
C LEU D 83 -6.17 -20.81 1.31
N ALA D 84 -6.78 -20.26 2.36
CA ALA D 84 -6.11 -20.06 3.63
C ALA D 84 -7.16 -19.70 4.67
N HIS D 85 -6.77 -19.78 5.94
CA HIS D 85 -7.62 -19.30 7.01
C HIS D 85 -6.77 -18.83 8.18
N ALA D 86 -7.37 -18.02 9.05
CA ALA D 86 -6.64 -17.36 10.11
C ALA D 86 -7.51 -17.15 11.34
N PHE D 87 -6.85 -17.10 12.50
CA PHE D 87 -7.53 -16.96 13.76
C PHE D 87 -7.30 -15.54 14.32
N PRO D 88 -8.34 -14.95 14.91
CA PRO D 88 -8.21 -13.60 15.48
C PRO D 88 -7.28 -13.59 16.70
N PRO D 89 -6.70 -12.42 17.03
CA PRO D 89 -5.72 -12.28 18.13
C PRO D 89 -6.11 -12.95 19.45
N GLY D 90 -5.11 -13.41 20.17
CA GLY D 90 -5.33 -14.07 21.44
C GLY D 90 -4.29 -15.15 21.65
N PRO D 91 -4.48 -15.99 22.68
CA PRO D 91 -3.53 -17.03 23.09
C PRO D 91 -3.66 -18.28 22.23
N GLY D 92 -2.57 -19.04 22.11
CA GLY D 92 -2.60 -20.34 21.45
C GLY D 92 -2.80 -20.30 19.95
N ILE D 93 -3.82 -21.00 19.47
CA ILE D 93 -4.09 -21.06 18.05
C ILE D 93 -4.53 -19.69 17.55
N GLN D 94 -5.02 -18.85 18.47
CA GLN D 94 -5.48 -17.50 18.09
C GLN D 94 -4.31 -16.66 17.57
N GLY D 95 -4.58 -15.88 16.52
CA GLY D 95 -3.53 -15.15 15.83
C GLY D 95 -2.92 -15.93 14.67
N ASP D 96 -3.05 -17.26 14.68
CA ASP D 96 -2.35 -18.07 13.68
C ASP D 96 -2.97 -18.00 12.28
N ALA D 97 -2.13 -18.25 11.27
CA ALA D 97 -2.56 -18.17 9.88
C ALA D 97 -2.06 -19.38 9.12
N HIS D 98 -2.98 -20.08 8.46
CA HIS D 98 -2.62 -21.30 7.72
C HIS D 98 -2.93 -21.15 6.23
N PHE D 99 -2.06 -21.71 5.40
CA PHE D 99 -2.20 -21.60 3.95
C PHE D 99 -2.25 -23.00 3.34
N ASP D 100 -3.22 -23.20 2.45
CA ASP D 100 -3.43 -24.49 1.80
C ASP D 100 -2.31 -24.79 0.82
N ASP D 101 -1.47 -25.78 1.12
CA ASP D 101 -0.35 -26.09 0.23
C ASP D 101 -0.78 -26.99 -0.93
N ASP D 102 -2.09 -27.24 -1.05
CA ASP D 102 -2.62 -27.88 -2.25
C ASP D 102 -2.88 -26.83 -3.34
N GLU D 103 -2.69 -25.56 -2.99
CA GLU D 103 -2.67 -24.49 -3.98
C GLU D 103 -1.30 -24.36 -4.64
N LEU D 104 -1.28 -23.80 -5.84
CA LEU D 104 -0.02 -23.38 -6.44
C LEU D 104 0.31 -21.95 -6.00
N TRP D 105 1.32 -21.80 -5.13
CA TRP D 105 1.65 -20.48 -4.64
C TRP D 105 2.61 -19.77 -5.59
N SER D 106 2.28 -18.54 -5.93
CA SER D 106 3.08 -17.72 -6.83
C SER D 106 3.11 -16.26 -6.37
N LEU D 107 3.54 -15.38 -7.28
CA LEU D 107 3.56 -13.96 -6.98
C LEU D 107 2.96 -13.14 -8.11
N GLY D 108 3.29 -13.52 -9.35
CA GLY D 108 2.90 -12.74 -10.51
C GLY D 108 1.52 -13.04 -11.07
N LYS D 109 1.07 -12.19 -11.98
CA LYS D 109 -0.18 -12.43 -12.69
C LYS D 109 -0.07 -13.67 -13.56
N GLY D 110 -0.83 -14.70 -13.22
CA GLY D 110 -0.83 -15.94 -13.98
C GLY D 110 -1.29 -17.12 -13.15
N VAL D 111 -0.71 -18.28 -13.44
CA VAL D 111 -1.09 -19.51 -12.75
C VAL D 111 -0.81 -19.42 -11.24
N GLY D 112 -1.75 -19.90 -10.45
CA GLY D 112 -1.60 -19.91 -9.00
C GLY D 112 -2.25 -18.75 -8.29
N TYR D 113 -1.97 -18.65 -7.01
CA TYR D 113 -2.50 -17.58 -6.18
C TYR D 113 -1.33 -16.81 -5.59
N SER D 114 -1.47 -15.49 -5.51
CA SER D 114 -0.44 -14.65 -4.93
C SER D 114 -0.37 -14.87 -3.43
N LEU D 115 0.70 -15.49 -2.98
CA LEU D 115 0.95 -15.67 -1.54
C LEU D 115 1.02 -14.32 -0.80
N PHE D 116 1.55 -13.28 -1.44
CA PHE D 116 1.56 -11.95 -0.84
C PHE D 116 0.14 -11.46 -0.56
N LEU D 117 -0.73 -11.51 -1.55
CA LEU D 117 -2.11 -11.06 -1.34
C LEU D 117 -2.88 -11.93 -0.35
N VAL D 118 -2.72 -13.24 -0.45
CA VAL D 118 -3.41 -14.12 0.50
C VAL D 118 -2.91 -13.90 1.93
N ALA D 119 -1.61 -13.65 2.08
CA ALA D 119 -1.04 -13.45 3.41
C ALA D 119 -1.51 -12.12 4.00
N ALA D 120 -1.50 -11.07 3.20
CA ALA D 120 -1.98 -9.77 3.67
C ALA D 120 -3.44 -9.86 4.13
N HIS D 121 -4.26 -10.58 3.36
CA HIS D 121 -5.65 -10.82 3.79
C HIS D 121 -5.69 -11.65 5.09
N ALA D 122 -5.01 -12.79 5.10
CA ALA D 122 -4.99 -13.63 6.32
C ALA D 122 -4.48 -12.84 7.52
N PHE D 123 -3.44 -12.03 7.31
CA PHE D 123 -2.87 -11.28 8.43
C PHE D 123 -3.87 -10.24 9.00
N GLY D 124 -4.74 -9.70 8.15
CA GLY D 124 -5.78 -8.80 8.60
C GLY D 124 -6.66 -9.48 9.65
N HIS D 125 -6.93 -10.77 9.43
CA HIS D 125 -7.70 -11.55 10.39
C HIS D 125 -6.89 -11.77 11.67
N ALA D 126 -5.59 -11.98 11.50
CA ALA D 126 -4.71 -12.25 12.63
C ALA D 126 -4.50 -11.00 13.47
N LEU D 127 -4.87 -9.84 12.94
CA LEU D 127 -4.80 -8.59 13.69
C LEU D 127 -6.17 -8.22 14.22
N GLY D 128 -7.20 -8.92 13.72
CA GLY D 128 -8.54 -8.82 14.31
C GLY D 128 -9.65 -8.35 13.39
N LEU D 129 -9.38 -8.30 12.10
CA LEU D 129 -10.37 -7.79 11.15
C LEU D 129 -11.36 -8.88 10.73
N ASP D 130 -12.61 -8.46 10.53
CA ASP D 130 -13.67 -9.31 10.02
C ASP D 130 -13.58 -9.26 8.50
N HIS D 131 -14.42 -10.02 7.81
CA HIS D 131 -14.54 -9.88 6.35
C HIS D 131 -15.29 -8.59 5.98
N SER D 132 -14.97 -8.06 4.82
CA SER D 132 -15.60 -6.82 4.35
C SER D 132 -16.65 -7.10 3.29
N SER D 133 -17.66 -6.24 3.21
CA SER D 133 -18.65 -6.36 2.12
C SER D 133 -18.25 -5.52 0.91
N VAL D 134 -17.14 -4.79 1.04
CA VAL D 134 -16.63 -3.92 -0.03
C VAL D 134 -15.79 -4.77 -0.99
N PRO D 135 -16.28 -4.97 -2.24
CA PRO D 135 -15.61 -5.91 -3.16
C PRO D 135 -14.16 -5.59 -3.48
N GLU D 136 -13.77 -4.32 -3.46
CA GLU D 136 -12.39 -3.95 -3.76
C GLU D 136 -11.48 -3.89 -2.52
N ALA D 137 -12.05 -4.02 -1.32
CA ALA D 137 -11.24 -4.03 -0.10
C ALA D 137 -10.40 -5.31 0.02
N LEU D 138 -9.26 -5.20 0.71
CA LEU D 138 -8.41 -6.37 0.91
C LEU D 138 -9.17 -7.42 1.71
N MET D 139 -10.08 -6.98 2.58
CA MET D 139 -10.72 -7.93 3.48
C MET D 139 -11.99 -8.55 2.90
N TYR D 140 -12.28 -8.27 1.64
CA TYR D 140 -13.37 -8.92 0.93
C TYR D 140 -13.06 -10.43 0.91
N PRO D 141 -14.08 -11.28 1.10
CA PRO D 141 -13.89 -12.71 1.35
C PRO D 141 -13.38 -13.50 0.15
N MET D 142 -13.46 -12.92 -1.04
CA MET D 142 -13.13 -13.68 -2.23
C MET D 142 -11.87 -13.13 -2.87
N TYR D 143 -11.02 -14.03 -3.34
CA TYR D 143 -9.71 -13.63 -3.87
C TYR D 143 -9.83 -13.09 -5.27
N ARG D 144 -9.14 -11.97 -5.51
N ARG D 144 -9.13 -11.99 -5.53
CA ARG D 144 -8.98 -11.45 -6.86
CA ARG D 144 -8.98 -11.52 -6.90
C ARG D 144 -7.55 -10.95 -7.01
C ARG D 144 -7.62 -10.87 -7.09
N PHE D 145 -6.90 -11.32 -8.11
CA PHE D 145 -5.57 -10.81 -8.36
C PHE D 145 -5.66 -9.35 -8.78
N THR D 146 -4.78 -8.54 -8.21
CA THR D 146 -4.66 -7.15 -8.58
C THR D 146 -3.22 -6.70 -8.32
N GLU D 147 -2.76 -5.74 -9.10
CA GLU D 147 -1.42 -5.19 -8.91
C GLU D 147 -1.56 -3.81 -8.28
N GLY D 148 -2.79 -3.37 -8.10
CA GLY D 148 -3.07 -2.10 -7.48
C GLY D 148 -2.85 -2.17 -5.98
N PRO D 149 -2.87 -1.01 -5.33
CA PRO D 149 -2.73 -0.97 -3.87
C PRO D 149 -3.83 -1.81 -3.23
N PRO D 150 -3.44 -2.77 -2.37
CA PRO D 150 -4.43 -3.66 -1.77
C PRO D 150 -5.33 -3.00 -0.72
N LEU D 151 -4.81 -2.07 0.07
CA LEU D 151 -5.63 -1.47 1.13
C LEU D 151 -6.60 -0.42 0.60
N HIS D 152 -7.85 -0.49 1.08
CA HIS D 152 -8.85 0.52 0.80
C HIS D 152 -9.28 1.20 2.10
N LYS D 153 -10.04 2.29 2.00
CA LYS D 153 -10.53 2.98 3.20
C LYS D 153 -11.16 2.03 4.21
N ASP D 154 -11.99 1.11 3.72
CA ASP D 154 -12.66 0.15 4.61
C ASP D 154 -11.67 -0.63 5.46
N ASP D 155 -10.59 -1.09 4.83
CA ASP D 155 -9.58 -1.88 5.54
C ASP D 155 -8.91 -1.02 6.61
N VAL D 156 -8.50 0.18 6.22
CA VAL D 156 -7.82 1.09 7.15
C VAL D 156 -8.76 1.55 8.27
N ASN D 157 -10.01 1.82 7.94
CA ASN D 157 -10.96 2.23 8.96
C ASN D 157 -11.17 1.12 9.98
N GLY D 158 -11.27 -0.11 9.48
CA GLY D 158 -11.41 -1.28 10.34
C GLY D 158 -10.22 -1.49 11.24
N ILE D 159 -9.02 -1.37 10.68
CA ILE D 159 -7.82 -1.57 11.53
C ILE D 159 -7.64 -0.44 12.55
N ARG D 160 -8.06 0.78 12.22
CA ARG D 160 -7.95 1.89 13.17
C ARG D 160 -8.96 1.74 14.30
N HIS D 161 -10.10 1.12 14.01
CA HIS D 161 -11.10 0.89 15.05
C HIS D 161 -10.53 -0.03 16.13
N LEU D 162 -9.50 -0.80 15.77
CA LEU D 162 -8.85 -1.69 16.73
C LEU D 162 -7.67 -1.05 17.45
N TYR D 163 -6.77 -0.42 16.71
CA TYR D 163 -5.51 0.05 17.32
C TYR D 163 -5.33 1.56 17.27
N GLY D 164 -6.30 2.25 16.67
CA GLY D 164 -6.27 3.69 16.59
C GLY D 164 -5.47 4.19 15.39
N1 AZI E . 7.58 15.69 -6.50
N2 AZI E . 8.47 15.71 -5.76
N3 AZI E . 9.36 15.75 -5.01
ZN ZN F . 9.74 15.15 -3.09
ZN ZN G . 6.83 22.68 -12.66
CA CA H . 15.08 15.11 -15.32
SR SR I . -3.85 24.19 -7.99
CA CA J . 9.65 10.78 -22.16
C1 EDO K . -6.43 18.05 11.92
O1 EDO K . -7.55 18.68 11.29
C2 EDO K . -6.80 16.63 12.34
O2 EDO K . -5.62 15.88 12.67
C1 GOL L . 5.92 22.59 1.75
O1 GOL L . 7.08 23.28 1.38
C2 GOL L . 6.17 21.80 3.03
O2 GOL L . 5.92 20.43 2.83
C3 GOL L . 5.24 22.31 4.13
O3 GOL L . 5.38 21.49 5.27
C1 EDO M . 12.92 22.30 -6.92
O1 EDO M . 14.05 23.12 -7.30
C2 EDO M . 12.64 21.32 -8.04
O2 EDO M . 12.21 22.03 -9.21
C1 EDO N . 9.82 4.21 -2.96
O1 EDO N . 9.80 5.07 -1.81
C2 EDO N . 10.21 5.05 -4.16
O2 EDO N . 11.53 5.59 -3.94
C1 EDO O . -8.92 24.56 1.19
O1 EDO O . -10.00 23.77 0.69
C2 EDO O . -7.64 24.21 0.50
O2 EDO O . -6.57 25.04 0.99
C1 EDO P . -8.50 26.55 -3.03
O1 EDO P . -9.42 25.59 -2.48
C2 EDO P . -7.25 26.61 -2.17
O2 EDO P . -7.48 27.28 -0.92
C1 PGO Q . 12.20 9.02 -23.73
C2 PGO Q . 13.06 9.92 -22.86
C3 PGO Q . 13.75 10.98 -23.70
O1 PGO Q . 10.84 9.09 -23.28
O2 PGO Q . 14.06 9.19 -22.14
N1 AZI R . -9.63 -15.67 5.35
N2 AZI R . -8.52 -15.97 5.58
N3 AZI R . -7.41 -16.27 5.79
ZN ZN S . -10.74 -13.98 5.15
ZN ZN T . -5.72 -24.47 9.88
CA CA U . -7.91 -25.16 -1.35
SR SR V . -0.77 -17.75 18.30
SR SR W . 1.51 -26.26 -3.48
C1 PGO X . 1.04 -26.87 -6.50
C2 PGO X . 0.25 -28.12 -6.11
C3 PGO X . -0.93 -28.35 -7.05
O1 PGO X . 2.33 -26.89 -5.88
O2 PGO X . -0.24 -27.98 -4.76
C1 EDO Y . -13.37 -21.93 7.90
O1 EDO Y . -14.34 -22.84 7.35
C2 EDO Y . -12.04 -22.10 7.18
O2 EDO Y . -11.49 -23.37 7.53
C1 EDO Z . -13.98 -9.69 14.66
O1 EDO Z . -15.02 -10.28 15.44
C2 EDO Z . -13.20 -10.80 13.96
O2 EDO Z . -14.12 -11.79 13.48
NA NA AA . 0.36 -0.86 -1.51
NA NA BA . -8.08 -7.74 -2.76
NA NA CA . -2.41 -9.41 23.79
#